data_1IZ6
#
_entry.id   1IZ6
#
_cell.length_a   93.28
_cell.length_b   93.28
_cell.length_c   39.43
_cell.angle_alpha   90.00
_cell.angle_beta   90.00
_cell.angle_gamma   120.00
#
_symmetry.space_group_name_H-M   'P 32'
#
loop_
_entity.id
_entity.type
_entity.pdbx_description
1 polymer 'Initiation Factor 5A'
2 water water
#
_entity_poly.entity_id   1
_entity_poly.type   'polypeptide(L)'
_entity_poly.pdbx_seq_one_letter_code
;MGDKTKVQVSKLKPGRYIIIDDEPCRIVNITVSSPGKHGSAKARIEAVGIFDGKVRSIVKPTSAEVDVPIIDKKTAQVIA
ITPDTVQIMDMETYETFEVPIDTGVADEIRDQLKEGINVEYWETLGRIKIMRIKGEGE
;
_entity_poly.pdbx_strand_id   A,B,C
#
# COMPACT_ATOMS: atom_id res chain seq x y z
N GLY A 2 -8.29 -32.75 16.40
CA GLY A 2 -7.15 -32.29 17.23
C GLY A 2 -6.24 -31.40 16.41
N ASP A 3 -6.22 -31.57 15.09
CA ASP A 3 -5.37 -30.76 14.22
C ASP A 3 -6.13 -29.54 13.70
N LYS A 4 -5.81 -29.10 12.50
CA LYS A 4 -6.49 -27.93 11.96
C LYS A 4 -7.16 -28.20 10.62
N THR A 5 -8.00 -27.27 10.20
CA THR A 5 -8.67 -27.40 8.93
C THR A 5 -8.98 -25.99 8.42
N LYS A 6 -9.43 -25.86 7.17
CA LYS A 6 -9.72 -24.55 6.62
C LYS A 6 -11.21 -24.38 6.49
N VAL A 7 -11.71 -23.17 6.74
CA VAL A 7 -13.14 -22.94 6.61
C VAL A 7 -13.39 -21.55 6.05
N GLN A 8 -14.36 -21.46 5.16
CA GLN A 8 -14.72 -20.18 4.54
C GLN A 8 -15.19 -19.18 5.60
N VAL A 9 -14.66 -17.95 5.54
CA VAL A 9 -14.98 -16.89 6.49
C VAL A 9 -16.47 -16.67 6.75
N SER A 10 -17.27 -16.76 5.70
CA SER A 10 -18.72 -16.56 5.78
C SER A 10 -19.41 -17.61 6.65
N LYS A 11 -18.76 -18.76 6.84
CA LYS A 11 -19.34 -19.82 7.64
C LYS A 11 -18.95 -19.77 9.11
N LEU A 12 -17.97 -18.93 9.44
CA LEU A 12 -17.50 -18.78 10.81
C LEU A 12 -18.57 -18.20 11.73
N LYS A 13 -18.52 -18.59 12.99
CA LYS A 13 -19.48 -18.08 13.97
C LYS A 13 -18.80 -17.81 15.30
N PRO A 14 -19.24 -16.76 16.02
CA PRO A 14 -18.68 -16.42 17.32
C PRO A 14 -18.93 -17.63 18.19
N GLY A 15 -18.00 -17.94 19.09
CA GLY A 15 -18.19 -19.13 19.91
C GLY A 15 -17.40 -20.27 19.30
N ARG A 16 -17.26 -20.27 17.99
CA ARG A 16 -16.46 -21.30 17.36
C ARG A 16 -15.04 -20.79 17.44
N TYR A 17 -14.14 -21.43 16.73
CA TYR A 17 -12.74 -21.07 16.82
C TYR A 17 -12.02 -20.76 15.53
N ILE A 18 -10.88 -20.11 15.68
CA ILE A 18 -10.06 -19.73 14.54
C ILE A 18 -8.61 -19.74 14.98
N ILE A 19 -7.71 -19.90 14.02
CA ILE A 19 -6.29 -19.89 14.33
C ILE A 19 -5.69 -18.58 13.81
N ILE A 20 -5.14 -17.79 14.72
CA ILE A 20 -4.48 -16.55 14.34
C ILE A 20 -3.10 -16.62 14.99
N ASP A 21 -2.07 -16.61 14.14
CA ASP A 21 -0.68 -16.71 14.58
C ASP A 21 -0.39 -17.99 15.37
N ASP A 22 -0.79 -19.12 14.80
CA ASP A 22 -0.58 -20.43 15.40
C ASP A 22 -1.24 -20.58 16.75
N GLU A 23 -2.06 -19.60 17.12
CA GLU A 23 -2.73 -19.67 18.40
C GLU A 23 -4.21 -19.94 18.17
N PRO A 24 -4.74 -21.01 18.79
CA PRO A 24 -6.16 -21.29 18.61
C PRO A 24 -6.92 -20.26 19.45
N CYS A 25 -7.89 -19.59 18.84
CA CYS A 25 -8.64 -18.53 19.50
C CYS A 25 -10.15 -18.69 19.37
N ARG A 26 -10.86 -18.30 20.42
CA ARG A 26 -12.32 -18.35 20.41
C ARG A 26 -12.79 -17.07 19.72
N ILE A 27 -13.62 -17.21 18.69
CA ILE A 27 -14.12 -16.04 17.97
C ILE A 27 -15.11 -15.29 18.89
N VAL A 28 -14.86 -14.00 19.11
CA VAL A 28 -15.71 -13.21 19.99
C VAL A 28 -16.46 -12.05 19.32
N ASN A 29 -16.15 -11.76 18.07
CA ASN A 29 -16.83 -10.69 17.35
C ASN A 29 -16.57 -10.86 15.86
N ILE A 30 -17.63 -10.71 15.06
CA ILE A 30 -17.49 -10.77 13.60
C ILE A 30 -18.31 -9.57 13.08
N THR A 31 -17.65 -8.69 12.35
CA THR A 31 -18.29 -7.49 11.80
C THR A 31 -18.17 -7.58 10.29
N VAL A 32 -19.30 -7.53 9.58
CA VAL A 32 -19.27 -7.58 8.11
C VAL A 32 -19.64 -6.20 7.61
N SER A 33 -18.75 -5.62 6.81
CA SER A 33 -18.92 -4.27 6.25
C SER A 33 -20.03 -4.22 5.19
N SER A 34 -20.36 -3.02 4.73
CA SER A 34 -21.39 -2.86 3.69
C SER A 34 -20.92 -3.56 2.43
N PRO A 35 -21.76 -4.41 1.82
CA PRO A 35 -21.36 -5.10 0.59
C PRO A 35 -21.12 -4.13 -0.56
N GLY A 36 -20.18 -4.47 -1.44
CA GLY A 36 -19.90 -3.62 -2.58
C GLY A 36 -20.89 -3.88 -3.70
N LYS A 37 -20.75 -3.13 -4.78
CA LYS A 37 -21.64 -3.24 -5.94
C LYS A 37 -21.85 -4.67 -6.44
N HIS A 38 -20.89 -5.53 -6.18
CA HIS A 38 -20.93 -6.93 -6.60
C HIS A 38 -21.59 -7.86 -5.58
N GLY A 39 -21.79 -7.36 -4.36
CA GLY A 39 -22.38 -8.20 -3.32
C GLY A 39 -21.30 -8.71 -2.38
N SER A 40 -20.05 -8.56 -2.78
CA SER A 40 -18.91 -9.00 -1.97
C SER A 40 -18.76 -8.13 -0.72
N ALA A 41 -18.24 -8.72 0.35
CA ALA A 41 -18.07 -7.98 1.60
C ALA A 41 -16.84 -8.49 2.36
N LYS A 42 -16.31 -7.62 3.21
CA LYS A 42 -15.14 -7.96 4.03
C LYS A 42 -15.60 -8.13 5.47
N ALA A 43 -15.04 -9.10 6.17
CA ALA A 43 -15.39 -9.31 7.56
C ALA A 43 -14.17 -9.09 8.46
N ARG A 44 -14.39 -8.45 9.61
CA ARG A 44 -13.31 -8.25 10.58
C ARG A 44 -13.70 -9.13 11.77
N ILE A 45 -12.77 -10.00 12.13
CA ILE A 45 -12.96 -10.97 13.21
C ILE A 45 -12.00 -10.71 14.37
N GLU A 46 -12.56 -10.67 15.56
CA GLU A 46 -11.82 -10.49 16.79
C GLU A 46 -11.90 -11.87 17.46
N ALA A 47 -10.78 -12.34 17.99
CA ALA A 47 -10.72 -13.63 18.64
C ALA A 47 -9.75 -13.59 19.83
N VAL A 48 -10.04 -14.41 20.84
CA VAL A 48 -9.23 -14.47 22.07
C VAL A 48 -8.50 -15.82 22.21
N GLY A 49 -7.17 -15.78 22.24
CA GLY A 49 -6.37 -16.99 22.38
C GLY A 49 -6.82 -17.82 23.56
N ILE A 50 -7.12 -19.09 23.33
CA ILE A 50 -7.58 -19.92 24.44
C ILE A 50 -6.48 -20.17 25.45
N PHE A 51 -5.22 -20.05 25.02
CA PHE A 51 -4.07 -20.27 25.89
C PHE A 51 -3.49 -18.97 26.45
N ASP A 52 -3.13 -18.03 25.58
CA ASP A 52 -2.54 -16.78 26.07
C ASP A 52 -3.54 -15.68 26.39
N GLY A 53 -4.82 -15.94 26.13
CA GLY A 53 -5.86 -14.96 26.41
C GLY A 53 -5.72 -13.64 25.68
N LYS A 54 -4.77 -13.58 24.75
CA LYS A 54 -4.52 -12.36 23.99
C LYS A 54 -5.56 -12.17 22.86
N VAL A 55 -6.09 -10.96 22.76
CA VAL A 55 -7.09 -10.64 21.74
C VAL A 55 -6.44 -10.28 20.41
N ARG A 56 -6.87 -10.96 19.36
CA ARG A 56 -6.33 -10.71 18.04
C ARG A 56 -7.46 -10.37 17.08
N SER A 57 -7.13 -9.59 16.06
CA SER A 57 -8.13 -9.17 15.09
C SER A 57 -7.60 -9.36 13.68
N ILE A 58 -8.46 -9.83 12.77
CA ILE A 58 -8.08 -9.99 11.37
C ILE A 58 -9.22 -9.56 10.44
N VAL A 59 -8.86 -9.20 9.21
CA VAL A 59 -9.83 -8.76 8.22
C VAL A 59 -9.68 -9.63 6.97
N LYS A 60 -10.79 -10.18 6.50
CA LYS A 60 -10.78 -11.05 5.33
C LYS A 60 -12.02 -10.95 4.48
N PRO A 61 -11.89 -11.21 3.17
CA PRO A 61 -13.03 -11.17 2.27
C PRO A 61 -13.89 -12.30 2.81
N THR A 62 -15.20 -12.14 2.75
CA THR A 62 -16.07 -13.19 3.26
C THR A 62 -15.97 -14.48 2.44
N SER A 63 -15.39 -14.39 1.24
CA SER A 63 -15.24 -15.57 0.39
C SER A 63 -13.90 -16.29 0.63
N ALA A 64 -13.08 -15.73 1.52
CA ALA A 64 -11.78 -16.30 1.83
C ALA A 64 -11.84 -17.44 2.85
N GLU A 65 -10.76 -18.20 2.96
CA GLU A 65 -10.69 -19.29 3.93
C GLU A 65 -9.68 -18.95 5.03
N VAL A 66 -9.97 -19.40 6.25
CA VAL A 66 -9.05 -19.18 7.36
C VAL A 66 -8.81 -20.54 8.02
N ASP A 67 -7.72 -20.67 8.78
CA ASP A 67 -7.43 -21.93 9.49
C ASP A 67 -8.19 -21.95 10.83
N VAL A 68 -8.81 -23.09 11.13
CA VAL A 68 -9.54 -23.25 12.39
C VAL A 68 -9.00 -24.51 13.06
N PRO A 69 -8.96 -24.52 14.41
CA PRO A 69 -8.46 -25.66 15.17
C PRO A 69 -9.59 -26.65 15.47
N ILE A 70 -9.25 -27.93 15.40
CA ILE A 70 -10.20 -28.97 15.71
C ILE A 70 -9.87 -29.39 17.15
N ILE A 71 -10.86 -29.30 18.02
CA ILE A 71 -10.71 -29.59 19.44
C ILE A 71 -11.29 -30.93 19.85
N ASP A 72 -10.51 -31.69 20.62
CA ASP A 72 -10.97 -33.00 21.13
C ASP A 72 -11.10 -32.83 22.65
N LYS A 73 -12.15 -33.40 23.23
CA LYS A 73 -12.35 -33.30 24.67
C LYS A 73 -12.08 -34.67 25.27
N LYS A 74 -11.24 -34.71 26.29
CA LYS A 74 -10.87 -35.96 26.92
C LYS A 74 -10.85 -35.81 28.42
N THR A 75 -10.62 -36.92 29.12
CA THR A 75 -10.55 -36.96 30.57
C THR A 75 -9.21 -37.52 31.02
N ALA A 76 -8.72 -37.02 32.16
CA ALA A 76 -7.47 -37.47 32.75
C ALA A 76 -7.48 -37.10 34.23
N GLN A 77 -6.51 -37.61 34.96
CA GLN A 77 -6.45 -37.36 36.40
C GLN A 77 -5.28 -36.51 36.79
N VAL A 78 -5.49 -35.58 37.71
CA VAL A 78 -4.41 -34.72 38.17
C VAL A 78 -3.49 -35.59 39.05
N ILE A 79 -2.21 -35.69 38.68
CA ILE A 79 -1.28 -36.49 39.48
C ILE A 79 -0.18 -35.67 40.14
N ALA A 80 -0.07 -34.39 39.81
CA ALA A 80 0.94 -33.56 40.46
C ALA A 80 0.60 -32.11 40.26
N ILE A 81 0.75 -31.34 41.32
CA ILE A 81 0.49 -29.92 41.27
C ILE A 81 1.71 -29.26 41.85
N THR A 82 2.18 -28.23 41.17
CA THR A 82 3.37 -27.48 41.54
C THR A 82 2.95 -26.02 41.75
N PRO A 83 3.83 -25.18 42.30
CA PRO A 83 3.39 -23.78 42.49
C PRO A 83 2.99 -23.12 41.17
N ASP A 84 3.63 -23.55 40.08
CA ASP A 84 3.34 -22.96 38.79
C ASP A 84 2.84 -23.91 37.71
N THR A 85 2.74 -25.20 38.00
CA THR A 85 2.27 -26.12 36.97
C THR A 85 1.32 -27.21 37.46
N VAL A 86 0.73 -27.91 36.50
CA VAL A 86 -0.14 -29.02 36.83
C VAL A 86 0.14 -30.13 35.84
N GLN A 87 0.21 -31.36 36.35
CA GLN A 87 0.47 -32.49 35.48
C GLN A 87 -0.70 -33.46 35.64
N ILE A 88 -1.23 -33.92 34.52
CA ILE A 88 -2.36 -34.86 34.51
C ILE A 88 -1.93 -36.12 33.76
N MET A 89 -2.62 -37.22 34.01
CA MET A 89 -2.27 -38.47 33.39
C MET A 89 -3.49 -39.25 32.97
N ASP A 90 -3.37 -39.90 31.82
CA ASP A 90 -4.42 -40.78 31.36
C ASP A 90 -3.97 -42.05 32.06
N MET A 91 -4.71 -42.42 33.10
CA MET A 91 -4.40 -43.57 33.93
C MET A 91 -4.23 -44.89 33.16
N GLU A 92 -5.01 -45.04 32.11
CA GLU A 92 -4.94 -46.27 31.32
C GLU A 92 -3.77 -46.32 30.32
N THR A 93 -3.61 -45.28 29.49
CA THR A 93 -2.52 -45.28 28.50
C THR A 93 -1.18 -44.87 29.09
N TYR A 94 -1.20 -44.29 30.29
CA TYR A 94 0.00 -43.83 30.99
C TYR A 94 0.59 -42.54 30.41
N GLU A 95 -0.07 -41.96 29.42
CA GLU A 95 0.42 -40.70 28.85
C GLU A 95 0.27 -39.62 29.89
N THR A 96 1.19 -38.67 29.89
CA THR A 96 1.10 -37.56 30.83
C THR A 96 1.15 -36.25 30.08
N PHE A 97 0.45 -35.27 30.63
CA PHE A 97 0.40 -33.94 30.05
C PHE A 97 0.65 -32.94 31.18
N GLU A 98 1.63 -32.06 30.99
CA GLU A 98 1.90 -31.05 32.00
C GLU A 98 1.87 -29.64 31.38
N VAL A 99 1.28 -28.69 32.09
CA VAL A 99 1.18 -27.31 31.58
C VAL A 99 1.31 -26.28 32.68
N PRO A 100 1.61 -25.01 32.33
CA PRO A 100 1.71 -24.00 33.37
C PRO A 100 0.28 -23.70 33.82
N ILE A 101 0.09 -23.43 35.10
CA ILE A 101 -1.24 -23.15 35.59
C ILE A 101 -1.85 -21.90 34.97
N ASP A 102 -1.04 -20.90 34.65
CA ASP A 102 -1.59 -19.67 34.10
C ASP A 102 -2.06 -19.73 32.66
N THR A 103 -1.53 -20.64 31.86
CA THR A 103 -1.96 -20.71 30.47
C THR A 103 -2.65 -22.01 30.12
N GLY A 104 -2.37 -23.06 30.89
CA GLY A 104 -2.95 -24.37 30.60
C GLY A 104 -4.18 -24.78 31.38
N VAL A 105 -4.69 -23.89 32.23
CA VAL A 105 -5.88 -24.18 33.06
C VAL A 105 -6.93 -23.04 32.98
N ALA A 106 -8.21 -23.37 32.80
CA ALA A 106 -9.26 -22.35 32.75
C ALA A 106 -9.26 -21.51 34.03
N ASP A 107 -9.38 -20.19 33.87
CA ASP A 107 -9.37 -19.28 35.01
C ASP A 107 -10.26 -19.74 36.14
N GLU A 108 -11.45 -20.19 35.76
CA GLU A 108 -12.46 -20.66 36.70
C GLU A 108 -11.98 -21.71 37.69
N ILE A 109 -11.11 -22.62 37.23
CA ILE A 109 -10.63 -23.68 38.09
C ILE A 109 -9.16 -23.58 38.45
N ARG A 110 -8.55 -22.46 38.06
CA ARG A 110 -7.12 -22.18 38.33
C ARG A 110 -6.66 -22.61 39.71
N ASP A 111 -7.48 -22.37 40.72
CA ASP A 111 -7.11 -22.70 42.09
C ASP A 111 -8.00 -23.76 42.72
N GLN A 112 -8.61 -24.61 41.90
CA GLN A 112 -9.47 -25.67 42.40
C GLN A 112 -8.87 -27.05 42.15
N LEU A 113 -7.69 -27.10 41.55
CA LEU A 113 -7.05 -28.36 41.24
C LEU A 113 -6.38 -29.01 42.45
N LYS A 114 -6.57 -30.31 42.57
CA LYS A 114 -6.02 -31.08 43.67
C LYS A 114 -5.61 -32.40 43.04
N GLU A 115 -4.57 -33.03 43.55
CA GLU A 115 -4.18 -34.29 42.94
C GLU A 115 -5.20 -35.38 43.28
N GLY A 116 -5.48 -36.23 42.29
CA GLY A 116 -6.41 -37.31 42.49
C GLY A 116 -7.74 -37.03 41.82
N ILE A 117 -7.97 -35.77 41.46
CA ILE A 117 -9.24 -35.48 40.83
C ILE A 117 -9.17 -35.62 39.31
N ASN A 118 -10.30 -36.01 38.72
CA ASN A 118 -10.43 -36.18 37.29
C ASN A 118 -10.94 -34.89 36.67
N VAL A 119 -10.33 -34.51 35.53
CA VAL A 119 -10.71 -33.29 34.85
C VAL A 119 -10.99 -33.53 33.37
N GLU A 120 -11.76 -32.62 32.79
CA GLU A 120 -12.03 -32.67 31.36
C GLU A 120 -11.00 -31.69 30.79
N TYR A 121 -10.20 -32.14 29.81
CA TYR A 121 -9.25 -31.23 29.16
C TYR A 121 -9.53 -31.22 27.67
N TRP A 122 -9.19 -30.09 27.04
CA TRP A 122 -9.35 -29.96 25.59
C TRP A 122 -7.96 -30.05 24.98
N GLU A 123 -7.89 -30.62 23.79
CA GLU A 123 -6.65 -30.79 23.09
C GLU A 123 -6.80 -30.34 21.63
N THR A 124 -5.85 -29.52 21.19
CA THR A 124 -5.82 -29.03 19.83
C THR A 124 -4.42 -28.51 19.51
N LEU A 125 -3.96 -28.85 18.31
CA LEU A 125 -2.65 -28.43 17.85
C LEU A 125 -1.53 -28.94 18.75
N GLY A 126 -1.71 -30.13 19.34
CA GLY A 126 -0.70 -30.70 20.21
C GLY A 126 -0.69 -30.18 21.64
N ARG A 127 -1.54 -29.19 21.94
CA ARG A 127 -1.60 -28.63 23.29
C ARG A 127 -2.90 -28.91 24.02
N ILE A 128 -2.84 -28.86 25.35
CA ILE A 128 -4.03 -29.11 26.12
C ILE A 128 -4.37 -27.94 27.04
N LYS A 129 -5.64 -27.91 27.45
CA LYS A 129 -6.11 -26.89 28.36
C LYS A 129 -7.09 -27.63 29.27
N ILE A 130 -6.83 -27.57 30.57
CA ILE A 130 -7.69 -28.21 31.56
C ILE A 130 -8.87 -27.25 31.68
N MET A 131 -10.06 -27.74 31.32
CA MET A 131 -11.28 -26.94 31.30
C MET A 131 -12.25 -27.09 32.46
N ARG A 132 -12.44 -28.28 32.98
CA ARG A 132 -13.34 -28.44 34.09
C ARG A 132 -13.07 -29.66 34.94
N ILE A 133 -13.67 -29.70 36.11
CA ILE A 133 -13.50 -30.82 37.01
C ILE A 133 -14.70 -31.74 36.83
N LYS A 134 -14.46 -33.04 36.71
CA LYS A 134 -15.53 -34.03 36.54
C LYS A 134 -16.30 -34.17 37.85
N GLY A 135 -17.60 -34.39 37.76
CA GLY A 135 -18.41 -34.48 38.96
C GLY A 135 -18.64 -33.03 39.38
N GLU A 136 -17.89 -32.16 38.70
CA GLU A 136 -17.94 -30.72 38.90
C GLU A 136 -17.53 -30.29 40.31
N GLY A 137 -16.28 -30.48 40.68
CA GLY A 137 -15.86 -30.08 42.01
C GLY A 137 -14.72 -30.85 42.66
N GLY B 2 7.08 -1.06 -21.89
CA GLY B 2 8.00 -1.79 -22.79
C GLY B 2 7.39 -1.98 -24.16
N ASP B 3 7.88 -2.99 -24.89
CA ASP B 3 7.37 -3.25 -26.23
C ASP B 3 6.40 -4.43 -26.27
N LYS B 4 6.59 -5.33 -27.23
CA LYS B 4 5.69 -6.49 -27.36
C LYS B 4 6.42 -7.81 -27.17
N THR B 5 5.69 -8.84 -26.80
CA THR B 5 6.27 -10.17 -26.68
C THR B 5 5.25 -11.15 -27.24
N LYS B 6 5.62 -12.42 -27.36
CA LYS B 6 4.70 -13.43 -27.89
C LYS B 6 4.36 -14.41 -26.78
N VAL B 7 3.08 -14.74 -26.65
CA VAL B 7 2.64 -15.65 -25.60
C VAL B 7 1.67 -16.70 -26.15
N GLN B 8 1.75 -17.92 -25.64
CA GLN B 8 0.81 -18.96 -26.09
C GLN B 8 -0.56 -18.68 -25.47
N VAL B 9 -1.61 -18.88 -26.24
CA VAL B 9 -2.96 -18.62 -25.76
C VAL B 9 -3.32 -19.36 -24.46
N SER B 10 -2.82 -20.59 -24.33
CA SER B 10 -3.10 -21.39 -23.13
C SER B 10 -2.60 -20.75 -21.83
N LYS B 11 -1.70 -19.76 -21.92
CA LYS B 11 -1.16 -19.09 -20.73
C LYS B 11 -1.91 -17.82 -20.37
N LEU B 12 -2.85 -17.41 -21.20
CA LEU B 12 -3.60 -16.19 -20.96
C LEU B 12 -4.63 -16.37 -19.84
N LYS B 13 -4.80 -15.32 -19.04
CA LYS B 13 -5.76 -15.32 -17.95
C LYS B 13 -6.33 -13.92 -17.76
N PRO B 14 -7.53 -13.83 -17.15
CA PRO B 14 -8.13 -12.51 -16.93
C PRO B 14 -7.11 -11.70 -16.13
N GLY B 15 -7.11 -10.39 -16.29
CA GLY B 15 -6.16 -9.57 -15.58
C GLY B 15 -4.84 -9.43 -16.30
N ARG B 16 -4.60 -10.27 -17.31
CA ARG B 16 -3.38 -10.19 -18.08
C ARG B 16 -3.66 -9.30 -19.29
N TYR B 17 -2.67 -9.11 -20.15
CA TYR B 17 -2.83 -8.23 -21.28
C TYR B 17 -2.64 -8.88 -22.66
N ILE B 18 -3.12 -8.20 -23.69
CA ILE B 18 -3.01 -8.72 -25.05
C ILE B 18 -3.19 -7.58 -26.05
N ILE B 19 -2.58 -7.72 -27.22
CA ILE B 19 -2.72 -6.69 -28.24
C ILE B 19 -3.73 -7.16 -29.27
N ILE B 20 -4.76 -6.35 -29.47
CA ILE B 20 -5.77 -6.68 -30.46
C ILE B 20 -6.02 -5.46 -31.31
N ASP B 21 -5.80 -5.61 -32.61
CA ASP B 21 -5.98 -4.54 -33.57
C ASP B 21 -5.06 -3.35 -33.23
N ASP B 22 -3.81 -3.67 -32.91
CA ASP B 22 -2.78 -2.69 -32.57
C ASP B 22 -3.07 -1.82 -31.34
N GLU B 23 -3.88 -2.34 -30.43
CA GLU B 23 -4.22 -1.65 -29.20
C GLU B 23 -3.95 -2.56 -28.02
N PRO B 24 -3.20 -2.06 -27.00
CA PRO B 24 -2.91 -2.88 -25.83
C PRO B 24 -4.21 -2.96 -25.00
N CYS B 25 -4.65 -4.18 -24.70
CA CYS B 25 -5.89 -4.42 -23.97
C CYS B 25 -5.74 -5.27 -22.72
N ARG B 26 -6.60 -5.02 -21.74
CA ARG B 26 -6.58 -5.80 -20.52
C ARG B 26 -7.64 -6.90 -20.70
N ILE B 27 -7.26 -8.14 -20.41
CA ILE B 27 -8.16 -9.27 -20.54
C ILE B 27 -9.14 -9.26 -19.35
N VAL B 28 -10.44 -9.23 -19.64
CA VAL B 28 -11.45 -9.24 -18.58
C VAL B 28 -12.06 -10.63 -18.44
N ASN B 29 -11.98 -11.43 -19.50
CA ASN B 29 -12.52 -12.77 -19.40
C ASN B 29 -11.99 -13.71 -20.47
N ILE B 30 -11.73 -14.95 -20.07
CA ILE B 30 -11.24 -15.97 -20.97
C ILE B 30 -12.08 -17.23 -20.75
N THR B 31 -12.53 -17.83 -21.83
CA THR B 31 -13.33 -19.04 -21.75
C THR B 31 -12.73 -20.07 -22.68
N VAL B 32 -12.27 -21.15 -22.08
CA VAL B 32 -11.66 -22.22 -22.83
C VAL B 32 -12.63 -23.37 -23.07
N SER B 33 -12.77 -23.77 -24.33
CA SER B 33 -13.63 -24.89 -24.67
C SER B 33 -12.70 -26.03 -25.00
N SER B 34 -12.71 -27.07 -24.17
CA SER B 34 -11.86 -28.24 -24.36
C SER B 34 -11.90 -28.66 -25.82
N PRO B 35 -12.95 -29.37 -26.24
CA PRO B 35 -12.77 -29.63 -27.67
C PRO B 35 -13.07 -28.39 -28.47
N GLY B 36 -14.14 -27.67 -28.09
CA GLY B 36 -14.54 -26.47 -28.84
C GLY B 36 -14.93 -27.07 -30.17
N LYS B 37 -15.71 -26.43 -31.02
CA LYS B 37 -15.99 -27.19 -32.24
C LYS B 37 -15.63 -26.79 -33.65
N HIS B 38 -14.90 -25.70 -33.88
CA HIS B 38 -14.52 -25.44 -35.26
C HIS B 38 -13.36 -26.40 -35.41
N GLY B 39 -12.74 -26.69 -34.27
CA GLY B 39 -11.62 -27.60 -34.22
C GLY B 39 -11.18 -27.99 -32.81
N SER B 40 -9.90 -27.75 -32.55
CA SER B 40 -9.27 -28.08 -31.28
C SER B 40 -9.63 -27.17 -30.10
N ALA B 41 -8.92 -27.35 -29.00
CA ALA B 41 -9.16 -26.55 -27.82
C ALA B 41 -9.02 -25.09 -28.24
N LYS B 42 -9.96 -24.27 -27.78
CA LYS B 42 -9.95 -22.85 -28.12
C LYS B 42 -10.32 -21.95 -26.95
N ALA B 43 -9.89 -20.71 -27.04
CA ALA B 43 -10.18 -19.74 -26.01
C ALA B 43 -10.90 -18.54 -26.61
N ARG B 44 -11.96 -18.11 -25.96
CA ARG B 44 -12.66 -16.92 -26.42
C ARG B 44 -12.12 -15.88 -25.44
N ILE B 45 -11.42 -14.89 -25.99
CA ILE B 45 -10.78 -13.84 -25.21
C ILE B 45 -11.52 -12.50 -25.31
N GLU B 46 -11.92 -11.96 -24.17
CA GLU B 46 -12.58 -10.65 -24.18
C GLU B 46 -11.69 -9.69 -23.41
N ALA B 47 -11.39 -8.55 -24.05
CA ALA B 47 -10.50 -7.53 -23.50
C ALA B 47 -10.98 -6.09 -23.76
N VAL B 48 -10.45 -5.15 -23.00
CA VAL B 48 -10.80 -3.76 -23.15
C VAL B 48 -9.54 -2.93 -23.42
N GLY B 49 -9.60 -2.06 -24.43
CA GLY B 49 -8.47 -1.21 -24.76
C GLY B 49 -8.08 -0.31 -23.59
N ILE B 50 -6.79 -0.36 -23.23
CA ILE B 50 -6.27 0.44 -22.14
C ILE B 50 -6.44 1.92 -22.43
N PHE B 51 -6.22 2.31 -23.67
CA PHE B 51 -6.33 3.71 -24.07
C PHE B 51 -7.68 4.10 -24.61
N ASP B 52 -8.26 3.31 -25.52
CA ASP B 52 -9.57 3.66 -26.07
C ASP B 52 -10.78 3.11 -25.30
N GLY B 53 -10.56 2.19 -24.37
CA GLY B 53 -11.68 1.65 -23.61
C GLY B 53 -12.66 0.78 -24.40
N LYS B 54 -12.35 0.47 -25.65
CA LYS B 54 -13.26 -0.34 -26.45
C LYS B 54 -13.16 -1.83 -26.12
N VAL B 55 -14.28 -2.52 -26.18
CA VAL B 55 -14.29 -3.95 -25.90
C VAL B 55 -13.96 -4.72 -27.17
N ARG B 56 -13.12 -5.74 -27.03
CA ARG B 56 -12.72 -6.59 -28.16
C ARG B 56 -12.83 -8.05 -27.73
N SER B 57 -13.33 -8.89 -28.63
CA SER B 57 -13.46 -10.31 -28.34
C SER B 57 -12.95 -11.10 -29.53
N ILE B 58 -12.02 -12.02 -29.27
CA ILE B 58 -11.49 -12.84 -30.35
C ILE B 58 -11.45 -14.29 -29.90
N VAL B 59 -11.34 -15.20 -30.85
CA VAL B 59 -11.29 -16.63 -30.53
C VAL B 59 -10.01 -17.20 -31.14
N LYS B 60 -9.26 -17.98 -30.36
CA LYS B 60 -8.02 -18.56 -30.86
C LYS B 60 -7.78 -19.96 -30.32
N PRO B 61 -7.09 -20.81 -31.09
CA PRO B 61 -6.81 -22.17 -30.62
C PRO B 61 -5.87 -21.96 -29.41
N THR B 62 -5.96 -22.81 -28.39
CA THR B 62 -5.09 -22.63 -27.21
C THR B 62 -3.61 -22.86 -27.57
N SER B 63 -3.38 -23.49 -28.72
CA SER B 63 -2.03 -23.78 -29.22
C SER B 63 -1.42 -22.57 -29.94
N ALA B 64 -2.24 -21.61 -30.34
CA ALA B 64 -1.76 -20.45 -31.05
C ALA B 64 -1.07 -19.46 -30.13
N GLU B 65 -0.36 -18.51 -30.73
CA GLU B 65 0.31 -17.48 -29.98
C GLU B 65 -0.28 -16.13 -30.33
N VAL B 66 -0.23 -15.20 -29.38
CA VAL B 66 -0.76 -13.85 -29.61
C VAL B 66 0.27 -12.85 -29.11
N ASP B 67 0.16 -11.59 -29.53
CA ASP B 67 1.10 -10.60 -29.04
C ASP B 67 0.60 -10.02 -27.73
N VAL B 68 1.52 -9.85 -26.78
CA VAL B 68 1.23 -9.28 -25.47
C VAL B 68 2.11 -8.04 -25.29
N PRO B 69 1.53 -6.97 -24.76
CA PRO B 69 2.31 -5.74 -24.56
C PRO B 69 3.00 -5.81 -23.20
N ILE B 70 4.27 -5.40 -23.17
CA ILE B 70 5.02 -5.39 -21.93
C ILE B 70 4.78 -3.96 -21.42
N ILE B 71 4.20 -3.87 -20.22
CA ILE B 71 3.85 -2.60 -19.61
C ILE B 71 4.76 -2.25 -18.42
N ASP B 72 5.50 -1.17 -18.57
CA ASP B 72 6.36 -0.71 -17.50
C ASP B 72 5.57 0.28 -16.64
N LYS B 73 5.78 0.24 -15.33
CA LYS B 73 5.07 1.13 -14.41
C LYS B 73 6.12 1.86 -13.61
N LYS B 74 6.06 3.19 -13.62
CA LYS B 74 7.02 4.03 -12.94
C LYS B 74 6.34 5.15 -12.17
N THR B 75 7.09 5.76 -11.26
CA THR B 75 6.62 6.85 -10.43
C THR B 75 6.99 8.17 -11.09
N ALA B 76 6.02 9.08 -11.17
CA ALA B 76 6.25 10.38 -11.78
C ALA B 76 5.55 11.41 -10.91
N GLN B 77 5.84 12.69 -11.16
CA GLN B 77 5.19 13.76 -10.42
C GLN B 77 4.44 14.61 -11.44
N VAL B 78 3.22 15.02 -11.09
CA VAL B 78 2.39 15.89 -11.94
C VAL B 78 3.05 17.26 -11.82
N ILE B 79 3.54 17.76 -12.95
CA ILE B 79 4.24 19.05 -12.98
C ILE B 79 3.32 20.21 -13.35
N ALA B 80 2.46 19.99 -14.30
CA ALA B 80 1.55 21.03 -14.75
C ALA B 80 0.32 20.42 -15.39
N ILE B 81 -0.84 20.91 -14.99
CA ILE B 81 -2.10 20.46 -15.53
C ILE B 81 -2.67 21.62 -16.31
N THR B 82 -3.00 21.37 -17.55
CA THR B 82 -3.52 22.40 -18.42
C THR B 82 -4.92 21.96 -18.85
N PRO B 83 -5.64 22.83 -19.57
CA PRO B 83 -6.99 22.45 -20.00
C PRO B 83 -7.03 21.24 -20.93
N ASP B 84 -5.90 20.85 -21.51
CA ASP B 84 -5.91 19.73 -22.42
C ASP B 84 -4.93 18.62 -22.11
N THR B 85 -3.91 18.90 -21.32
CA THR B 85 -2.91 17.89 -21.04
C THR B 85 -2.34 17.94 -19.64
N VAL B 86 -1.72 16.82 -19.25
CA VAL B 86 -1.06 16.67 -17.98
C VAL B 86 0.41 16.44 -18.27
N GLN B 87 1.27 17.26 -17.68
CA GLN B 87 2.71 17.14 -17.86
C GLN B 87 3.25 16.47 -16.61
N ILE B 88 3.92 15.33 -16.79
CA ILE B 88 4.50 14.60 -15.68
C ILE B 88 5.97 14.31 -15.95
N MET B 89 6.71 14.00 -14.89
CA MET B 89 8.12 13.71 -15.03
C MET B 89 8.47 12.48 -14.19
N ASP B 90 9.14 11.53 -14.80
CA ASP B 90 9.54 10.32 -14.11
C ASP B 90 10.47 10.75 -12.98
N MET B 91 10.18 10.31 -11.76
CA MET B 91 10.97 10.73 -10.61
C MET B 91 12.39 10.15 -10.49
N GLU B 92 12.76 9.27 -11.40
CA GLU B 92 14.10 8.71 -11.36
C GLU B 92 14.90 9.03 -12.62
N THR B 93 14.25 8.97 -13.79
CA THR B 93 14.94 9.24 -15.06
C THR B 93 14.85 10.70 -15.47
N TYR B 94 13.90 11.42 -14.88
CA TYR B 94 13.67 12.83 -15.19
C TYR B 94 13.14 13.06 -16.60
N GLU B 95 12.73 11.98 -17.25
CA GLU B 95 12.15 12.11 -18.58
C GLU B 95 10.76 12.75 -18.38
N THR B 96 10.40 13.64 -19.30
CA THR B 96 9.10 14.30 -19.27
C THR B 96 8.12 13.59 -20.23
N PHE B 97 6.84 13.60 -19.87
CA PHE B 97 5.79 13.03 -20.71
C PHE B 97 4.61 14.01 -20.64
N GLU B 98 3.88 14.16 -21.75
CA GLU B 98 2.72 15.05 -21.77
C GLU B 98 1.60 14.27 -22.43
N VAL B 99 0.57 13.97 -21.66
CA VAL B 99 -0.54 13.19 -22.17
C VAL B 99 -1.86 13.97 -22.19
N PRO B 100 -2.76 13.60 -23.13
CA PRO B 100 -4.04 14.27 -23.22
C PRO B 100 -4.77 13.96 -21.92
N ILE B 101 -5.50 14.93 -21.42
CA ILE B 101 -6.21 14.79 -20.17
C ILE B 101 -7.28 13.69 -20.18
N ASP B 102 -7.84 13.39 -21.34
CA ASP B 102 -8.86 12.35 -21.44
C ASP B 102 -8.29 10.93 -21.51
N THR B 103 -7.74 10.56 -22.67
CA THR B 103 -7.19 9.22 -22.85
C THR B 103 -5.89 8.94 -22.08
N GLY B 104 -5.14 9.98 -21.73
CA GLY B 104 -3.91 9.76 -21.00
C GLY B 104 -4.05 9.60 -19.50
N VAL B 105 -5.27 9.60 -18.99
CA VAL B 105 -5.49 9.44 -17.56
C VAL B 105 -6.63 8.48 -17.24
N ALA B 106 -6.45 7.63 -16.24
CA ALA B 106 -7.49 6.67 -15.84
C ALA B 106 -8.70 7.43 -15.30
N ASP B 107 -9.90 7.02 -15.71
CA ASP B 107 -11.11 7.71 -15.23
C ASP B 107 -11.20 7.81 -13.72
N GLU B 108 -10.83 6.75 -13.02
CA GLU B 108 -10.94 6.72 -11.56
C GLU B 108 -10.06 7.68 -10.77
N ILE B 109 -9.20 8.41 -11.44
CA ILE B 109 -8.33 9.37 -10.74
C ILE B 109 -8.20 10.71 -11.43
N ARG B 110 -8.75 10.83 -12.63
CA ARG B 110 -8.65 12.10 -13.36
C ARG B 110 -9.09 13.28 -12.49
N ASP B 111 -10.20 13.11 -11.77
CA ASP B 111 -10.72 14.18 -10.92
C ASP B 111 -9.82 14.52 -9.73
N GLN B 112 -8.98 13.58 -9.32
CA GLN B 112 -8.12 13.80 -8.16
C GLN B 112 -6.72 14.32 -8.48
N LEU B 113 -6.40 14.44 -9.76
CA LEU B 113 -5.08 14.94 -10.12
C LEU B 113 -4.89 16.38 -9.62
N LYS B 114 -3.68 16.69 -9.19
CA LYS B 114 -3.35 18.02 -8.72
C LYS B 114 -1.87 18.19 -8.98
N GLU B 115 -1.42 19.39 -9.29
CA GLU B 115 -0.01 19.60 -9.54
C GLU B 115 0.79 19.32 -8.29
N GLY B 116 1.95 18.69 -8.44
CA GLY B 116 2.79 18.38 -7.29
C GLY B 116 2.63 17.00 -6.66
N ILE B 117 1.56 16.28 -6.96
CA ILE B 117 1.38 14.95 -6.38
C ILE B 117 2.11 13.91 -7.23
N ASN B 118 2.47 12.78 -6.61
CA ASN B 118 3.14 11.72 -7.34
C ASN B 118 2.13 10.71 -7.84
N VAL B 119 2.41 10.14 -9.01
CA VAL B 119 1.51 9.17 -9.61
C VAL B 119 2.30 8.01 -10.20
N GLU B 120 1.57 6.96 -10.55
CA GLU B 120 2.18 5.83 -11.20
C GLU B 120 1.66 5.93 -12.62
N TYR B 121 2.57 5.93 -13.59
CA TYR B 121 2.16 5.99 -14.99
C TYR B 121 2.62 4.68 -15.61
N TRP B 122 1.97 4.32 -16.70
CA TRP B 122 2.28 3.10 -17.43
C TRP B 122 2.75 3.49 -18.83
N GLU B 123 3.68 2.71 -19.35
CA GLU B 123 4.21 2.92 -20.68
C GLU B 123 4.24 1.57 -21.41
N THR B 124 3.61 1.55 -22.58
CA THR B 124 3.63 0.35 -23.41
C THR B 124 3.53 0.82 -24.84
N LEU B 125 4.44 0.29 -25.65
CA LEU B 125 4.53 0.64 -27.06
C LEU B 125 4.76 2.14 -27.23
N GLY B 126 5.55 2.73 -26.34
CA GLY B 126 5.84 4.16 -26.41
C GLY B 126 4.69 5.04 -25.93
N ARG B 127 3.53 4.44 -25.69
CA ARG B 127 2.36 5.17 -25.24
C ARG B 127 2.24 5.24 -23.71
N ILE B 128 1.80 6.40 -23.22
CA ILE B 128 1.71 6.68 -21.80
C ILE B 128 0.31 6.90 -21.21
N LYS B 129 0.10 6.38 -20.01
CA LYS B 129 -1.17 6.60 -19.29
C LYS B 129 -0.92 6.72 -17.79
N ILE B 130 -1.47 7.76 -17.19
CA ILE B 130 -1.35 7.98 -15.72
C ILE B 130 -2.45 7.08 -15.14
N MET B 131 -2.02 6.08 -14.40
CA MET B 131 -2.94 5.08 -13.85
C MET B 131 -3.36 5.18 -12.39
N ARG B 132 -2.46 5.59 -11.51
CA ARG B 132 -2.79 5.67 -10.10
C ARG B 132 -2.14 6.86 -9.41
N ILE B 133 -2.75 7.30 -8.33
CA ILE B 133 -2.16 8.40 -7.57
C ILE B 133 -1.40 7.76 -6.42
N LYS B 134 -0.14 8.17 -6.23
CA LYS B 134 0.67 7.59 -5.17
C LYS B 134 0.14 8.00 -3.81
N GLY B 135 -0.03 7.02 -2.94
CA GLY B 135 -0.51 7.34 -1.61
C GLY B 135 0.66 7.37 -0.64
N GLU B 136 0.37 7.68 0.61
CA GLU B 136 1.37 7.73 1.66
C GLU B 136 2.31 6.53 1.53
N GLY B 137 3.57 6.70 1.89
CA GLY B 137 4.52 5.60 1.80
C GLY B 137 5.24 5.55 0.46
N GLY C 2 19.79 18.89 -12.13
CA GLY C 2 19.68 17.84 -11.09
C GLY C 2 18.25 17.63 -10.65
N ASP C 3 17.89 18.14 -9.49
CA ASP C 3 16.53 18.00 -9.02
C ASP C 3 15.70 19.11 -9.69
N LYS C 4 15.69 19.14 -11.03
CA LYS C 4 14.92 20.16 -11.74
C LYS C 4 14.39 19.69 -13.11
N THR C 5 13.36 20.37 -13.60
CA THR C 5 12.80 20.06 -14.90
C THR C 5 12.31 21.37 -15.50
N LYS C 6 11.79 21.32 -16.73
CA LYS C 6 11.34 22.54 -17.38
C LYS C 6 9.82 22.61 -17.54
N VAL C 7 9.29 23.84 -17.44
CA VAL C 7 7.86 24.07 -17.54
C VAL C 7 7.65 25.40 -18.29
N GLN C 8 6.71 25.41 -19.24
CA GLN C 8 6.41 26.63 -19.97
C GLN C 8 5.84 27.63 -18.97
N VAL C 9 6.35 28.87 -18.99
CA VAL C 9 5.93 29.92 -18.07
C VAL C 9 4.42 30.11 -17.96
N SER C 10 3.73 30.02 -19.09
CA SER C 10 2.28 30.20 -19.08
C SER C 10 1.56 29.18 -18.19
N LYS C 11 2.20 28.06 -17.86
CA LYS C 11 1.56 27.02 -17.06
C LYS C 11 1.81 27.14 -15.56
N LEU C 12 2.62 28.11 -15.18
CA LEU C 12 2.96 28.31 -13.78
C LEU C 12 1.82 28.99 -13.03
N LYS C 13 1.60 28.57 -11.79
CA LYS C 13 0.53 29.12 -10.98
C LYS C 13 1.05 29.45 -9.58
N PRO C 14 0.40 30.40 -8.89
CA PRO C 14 0.88 30.72 -7.54
C PRO C 14 0.81 29.45 -6.71
N GLY C 15 1.71 29.28 -5.77
CA GLY C 15 1.67 28.09 -4.94
C GLY C 15 2.60 27.00 -5.47
N ARG C 16 2.93 27.09 -6.75
CA ARG C 16 3.83 26.14 -7.39
C ARG C 16 5.26 26.67 -7.24
N TYR C 17 6.22 26.01 -7.88
CA TYR C 17 7.62 26.38 -7.73
C TYR C 17 8.43 26.78 -8.94
N ILE C 18 9.44 27.60 -8.69
CA ILE C 18 10.33 28.02 -9.76
C ILE C 18 11.73 28.22 -9.20
N ILE C 19 12.73 28.14 -10.07
CA ILE C 19 14.08 28.36 -9.63
C ILE C 19 14.47 29.78 -10.01
N ILE C 20 14.98 30.52 -9.03
CA ILE C 20 15.46 31.88 -9.26
C ILE C 20 16.79 32.05 -8.54
N ASP C 21 17.82 32.40 -9.31
CA ASP C 21 19.15 32.59 -8.76
C ASP C 21 19.57 31.30 -8.07
N ASP C 22 19.31 30.18 -8.73
CA ASP C 22 19.65 28.85 -8.24
C ASP C 22 19.01 28.47 -6.91
N GLU C 23 17.99 29.24 -6.55
CA GLU C 23 17.27 29.01 -5.30
C GLU C 23 15.87 28.51 -5.62
N PRO C 24 15.38 27.45 -4.93
CA PRO C 24 14.04 26.90 -5.16
C PRO C 24 13.06 27.84 -4.45
N CYS C 25 12.10 28.37 -5.20
CA CYS C 25 11.13 29.33 -4.66
C CYS C 25 9.66 28.99 -4.92
N ARG C 26 8.83 29.32 -3.94
CA ARG C 26 7.40 29.09 -4.08
C ARG C 26 6.81 30.40 -4.64
N ILE C 27 6.05 30.29 -5.72
CA ILE C 27 5.43 31.45 -6.37
C ILE C 27 4.35 32.12 -5.52
N VAL C 28 4.52 33.42 -5.30
CA VAL C 28 3.56 34.19 -4.51
C VAL C 28 2.80 35.24 -5.31
N ASN C 29 3.27 35.56 -6.51
CA ASN C 29 2.60 36.56 -7.34
C ASN C 29 3.02 36.37 -8.80
N ILE C 30 2.09 36.52 -9.73
CA ILE C 30 2.37 36.41 -11.15
C ILE C 30 1.67 37.61 -11.81
N THR C 31 2.44 38.40 -12.54
CA THR C 31 1.91 39.57 -13.25
C THR C 31 2.15 39.33 -14.73
N VAL C 32 1.09 39.32 -15.51
CA VAL C 32 1.24 39.11 -16.95
C VAL C 32 0.82 40.37 -17.69
N SER C 33 1.59 40.71 -18.72
CA SER C 33 1.26 41.88 -19.50
C SER C 33 1.89 41.75 -20.86
N SER C 34 1.14 42.18 -21.88
CA SER C 34 1.59 42.23 -23.27
C SER C 34 1.47 43.74 -23.46
N PRO C 35 2.55 44.48 -23.15
CA PRO C 35 2.74 45.95 -23.21
C PRO C 35 1.86 46.65 -24.19
N GLY C 36 1.67 45.95 -25.29
CA GLY C 36 0.93 46.41 -26.42
C GLY C 36 1.86 46.17 -27.56
N LYS C 37 2.28 47.24 -28.23
CA LYS C 37 3.19 47.05 -29.35
C LYS C 37 4.60 46.51 -29.03
N HIS C 38 4.61 45.26 -28.59
CA HIS C 38 5.80 44.46 -28.30
C HIS C 38 5.41 43.16 -29.04
N GLY C 39 6.33 42.23 -29.19
CA GLY C 39 5.98 40.99 -29.87
C GLY C 39 5.93 39.81 -28.91
N SER C 40 5.84 40.10 -27.61
CA SER C 40 5.83 39.03 -26.64
C SER C 40 5.17 39.31 -25.29
N ALA C 41 4.31 38.39 -24.86
CA ALA C 41 3.64 38.53 -23.57
C ALA C 41 4.66 38.07 -22.53
N LYS C 42 4.82 38.86 -21.46
CA LYS C 42 5.79 38.53 -20.43
C LYS C 42 5.13 38.38 -19.06
N ALA C 43 5.72 37.52 -18.23
CA ALA C 43 5.21 37.29 -16.90
C ALA C 43 6.30 37.64 -15.91
N ARG C 44 5.94 38.44 -14.91
CA ARG C 44 6.89 38.79 -13.85
C ARG C 44 6.40 37.94 -12.69
N ILE C 45 7.31 37.13 -12.18
CA ILE C 45 7.01 36.20 -11.13
C ILE C 45 7.79 36.48 -9.87
N GLU C 46 7.07 36.64 -8.76
CA GLU C 46 7.66 36.84 -7.43
C GLU C 46 7.46 35.50 -6.74
N ALA C 47 8.51 35.04 -6.06
CA ALA C 47 8.48 33.76 -5.36
C ALA C 47 9.43 33.79 -4.17
N VAL C 48 9.04 33.11 -3.09
CA VAL C 48 9.82 33.08 -1.87
C VAL C 48 10.72 31.86 -1.72
N GLY C 49 12.01 32.11 -1.53
CA GLY C 49 12.95 31.02 -1.33
C GLY C 49 12.53 30.08 -0.21
N ILE C 50 12.51 28.79 -0.54
CA ILE C 50 12.12 27.76 0.42
C ILE C 50 13.03 27.70 1.65
N PHE C 51 14.32 27.97 1.47
CA PHE C 51 15.26 27.88 2.59
C PHE C 51 15.45 29.15 3.41
N ASP C 52 15.77 30.26 2.76
CA ASP C 52 15.98 31.51 3.47
C ASP C 52 14.71 32.34 3.66
N GLY C 53 13.66 32.03 2.91
CA GLY C 53 12.42 32.78 3.05
C GLY C 53 12.46 34.16 2.40
N LYS C 54 13.46 34.40 1.55
CA LYS C 54 13.61 35.68 0.87
C LYS C 54 12.87 35.71 -0.47
N VAL C 55 12.05 36.74 -0.70
CA VAL C 55 11.28 36.86 -1.94
C VAL C 55 12.21 37.23 -3.10
N ARG C 56 12.04 36.59 -4.25
CA ARG C 56 12.87 36.89 -5.41
C ARG C 56 11.95 37.10 -6.60
N SER C 57 12.45 37.81 -7.61
CA SER C 57 11.66 38.13 -8.79
C SER C 57 12.34 37.77 -10.10
N ILE C 58 11.56 37.36 -11.08
CA ILE C 58 12.07 37.01 -12.39
C ILE C 58 11.03 37.37 -13.46
N VAL C 59 11.49 37.76 -14.64
CA VAL C 59 10.58 38.12 -15.73
C VAL C 59 10.90 37.28 -16.96
N LYS C 60 9.89 36.60 -17.49
CA LYS C 60 10.13 35.76 -18.66
C LYS C 60 8.95 35.76 -19.61
N PRO C 61 9.23 35.47 -20.89
CA PRO C 61 8.16 35.43 -21.89
C PRO C 61 7.28 34.26 -21.46
N THR C 62 5.97 34.36 -21.66
CA THR C 62 5.10 33.28 -21.26
C THR C 62 5.33 32.03 -22.07
N SER C 63 5.98 32.16 -23.21
CA SER C 63 6.24 31.00 -24.06
C SER C 63 7.53 30.29 -23.68
N ALA C 64 8.34 30.91 -22.82
CA ALA C 64 9.61 30.31 -22.41
C ALA C 64 9.47 29.08 -21.50
N GLU C 65 10.45 28.19 -21.55
CA GLU C 65 10.43 27.00 -20.70
C GLU C 65 11.51 27.20 -19.65
N VAL C 66 11.09 27.44 -18.42
CA VAL C 66 12.00 27.70 -17.32
C VAL C 66 12.20 26.53 -16.36
N ASP C 67 13.31 26.56 -15.62
CA ASP C 67 13.61 25.51 -14.67
C ASP C 67 12.77 25.67 -13.40
N VAL C 68 12.22 24.55 -12.95
CA VAL C 68 11.42 24.46 -11.75
C VAL C 68 12.11 23.38 -10.91
N PRO C 69 12.11 23.54 -9.57
CA PRO C 69 12.78 22.51 -8.78
C PRO C 69 11.87 21.32 -8.54
N ILE C 70 12.46 20.14 -8.42
CA ILE C 70 11.68 18.93 -8.15
C ILE C 70 11.86 18.58 -6.67
N ILE C 71 10.76 18.66 -5.93
CA ILE C 71 10.79 18.38 -4.52
C ILE C 71 10.38 16.94 -4.19
N ASP C 72 11.24 16.23 -3.49
CA ASP C 72 10.94 14.88 -3.03
C ASP C 72 10.60 15.01 -1.56
N LYS C 73 9.56 14.32 -1.13
CA LYS C 73 9.16 14.33 0.28
C LYS C 73 9.46 12.95 0.85
N LYS C 74 10.35 12.89 1.83
CA LYS C 74 10.75 11.62 2.40
C LYS C 74 10.67 11.56 3.93
N THR C 75 11.02 10.41 4.48
CA THR C 75 11.00 10.18 5.92
C THR C 75 12.42 10.00 6.43
N ALA C 76 12.73 10.65 7.55
CA ALA C 76 14.06 10.53 8.15
C ALA C 76 13.93 10.52 9.67
N GLN C 77 14.94 9.98 10.33
CA GLN C 77 14.93 9.98 11.79
C GLN C 77 16.00 10.96 12.24
N VAL C 78 15.70 11.76 13.27
CA VAL C 78 16.66 12.72 13.81
C VAL C 78 17.78 11.97 14.53
N ILE C 79 19.00 12.16 14.05
CA ILE C 79 20.19 11.51 14.59
C ILE C 79 20.80 12.30 15.73
N ALA C 80 21.03 13.58 15.47
CA ALA C 80 21.68 14.45 16.44
C ALA C 80 21.20 15.87 16.27
N ILE C 81 21.17 16.59 17.37
CA ILE C 81 20.73 17.97 17.40
C ILE C 81 21.76 18.80 18.16
N THR C 82 22.10 19.94 17.56
CA THR C 82 23.07 20.89 18.09
C THR C 82 22.32 22.21 18.18
N PRO C 83 22.84 23.17 18.96
CA PRO C 83 22.12 24.44 19.02
C PRO C 83 22.16 25.12 17.65
N ASP C 84 23.12 24.71 16.81
CA ASP C 84 23.29 25.29 15.48
C ASP C 84 22.91 24.40 14.29
N THR C 85 22.93 23.09 14.49
CA THR C 85 22.63 22.15 13.42
C THR C 85 21.79 20.94 13.83
N VAL C 86 21.25 20.24 12.83
CA VAL C 86 20.46 19.04 13.05
C VAL C 86 20.87 18.01 11.99
N GLN C 87 21.01 16.77 12.44
CA GLN C 87 21.41 15.69 11.56
C GLN C 87 20.31 14.65 11.54
N ILE C 88 19.93 14.25 10.33
CA ILE C 88 18.89 13.24 10.15
C ILE C 88 19.39 12.22 9.14
N MET C 89 18.75 11.05 9.15
CA MET C 89 19.12 9.98 8.24
C MET C 89 17.85 9.45 7.59
N ASP C 90 17.88 9.33 6.26
CA ASP C 90 16.72 8.79 5.57
C ASP C 90 16.58 7.32 5.98
N MET C 91 15.37 6.97 6.44
CA MET C 91 15.07 5.64 6.93
C MET C 91 15.07 4.47 5.94
N GLU C 92 14.96 4.76 4.65
CA GLU C 92 14.96 3.71 3.63
C GLU C 92 16.26 3.64 2.81
N THR C 93 16.87 4.78 2.53
CA THR C 93 18.11 4.87 1.74
C THR C 93 19.34 5.15 2.60
N TYR C 94 19.11 5.47 3.86
CA TYR C 94 20.16 5.72 4.83
C TYR C 94 21.12 6.88 4.58
N GLU C 95 20.79 7.78 3.66
CA GLU C 95 21.66 8.93 3.45
C GLU C 95 21.60 9.77 4.72
N THR C 96 22.70 10.44 5.06
CA THR C 96 22.70 11.29 6.24
C THR C 96 22.75 12.76 5.79
N PHE C 97 21.90 13.60 6.39
CA PHE C 97 21.90 15.02 6.05
C PHE C 97 22.16 15.87 7.30
N GLU C 98 23.03 16.85 7.18
CA GLU C 98 23.28 17.77 8.28
C GLU C 98 23.00 19.17 7.75
N VAL C 99 22.17 19.92 8.48
CA VAL C 99 21.78 21.26 8.04
C VAL C 99 21.72 22.26 9.21
N PRO C 100 21.74 23.58 8.90
CA PRO C 100 21.66 24.63 9.94
C PRO C 100 20.23 24.56 10.48
N ILE C 101 20.05 24.68 11.79
CA ILE C 101 18.71 24.59 12.37
C ILE C 101 17.76 25.66 11.87
N ASP C 102 18.30 26.81 11.45
CA ASP C 102 17.43 27.88 10.98
C ASP C 102 16.93 27.70 9.54
N THR C 103 17.84 27.57 8.57
CA THR C 103 17.40 27.40 7.19
C THR C 103 16.93 25.99 6.81
N GLY C 104 17.41 24.97 7.53
CA GLY C 104 17.01 23.60 7.23
C GLY C 104 15.84 23.03 8.01
N VAL C 105 15.11 23.87 8.74
CA VAL C 105 13.96 23.41 9.52
C VAL C 105 12.82 24.44 9.52
N ALA C 106 11.59 24.00 9.25
CA ALA C 106 10.44 24.90 9.29
C ALA C 106 10.33 25.45 10.71
N ASP C 107 10.18 26.77 10.83
CA ASP C 107 10.09 27.41 12.13
C ASP C 107 9.04 26.77 13.03
N GLU C 108 7.91 26.41 12.43
CA GLU C 108 6.80 25.83 13.16
C GLU C 108 7.10 24.46 13.75
N ILE C 109 8.20 23.84 13.31
CA ILE C 109 8.57 22.50 13.77
C ILE C 109 9.88 22.47 14.58
N ARG C 110 10.62 23.56 14.55
CA ARG C 110 11.90 23.65 15.24
C ARG C 110 11.92 23.26 16.71
N ASP C 111 10.93 23.71 17.49
CA ASP C 111 10.93 23.37 18.92
C ASP C 111 10.50 21.94 19.25
N GLN C 112 10.12 21.17 18.24
CA GLN C 112 9.70 19.79 18.49
C GLN C 112 10.76 18.77 18.10
N LEU C 113 11.92 19.24 17.69
CA LEU C 113 12.97 18.32 17.27
C LEU C 113 13.65 17.65 18.46
N LYS C 114 13.59 16.33 18.46
CA LYS C 114 14.19 15.49 19.50
C LYS C 114 14.89 14.33 18.79
N GLU C 115 16.07 13.95 19.28
CA GLU C 115 16.78 12.83 18.68
C GLU C 115 15.88 11.60 18.75
N GLY C 116 15.83 10.83 17.66
CA GLY C 116 15.00 9.63 17.66
C GLY C 116 13.64 9.75 17.01
N ILE C 117 13.09 10.95 16.93
CA ILE C 117 11.78 11.11 16.30
C ILE C 117 11.93 11.01 14.79
N ASN C 118 10.83 10.69 14.11
CA ASN C 118 10.85 10.61 12.66
C ASN C 118 10.24 11.90 12.13
N VAL C 119 10.77 12.36 11.02
CA VAL C 119 10.24 13.60 10.45
C VAL C 119 10.08 13.43 8.96
N GLU C 120 9.29 14.31 8.37
CA GLU C 120 9.09 14.34 6.94
C GLU C 120 10.03 15.48 6.51
N TYR C 121 10.92 15.19 5.57
CA TYR C 121 11.79 16.24 5.08
C TYR C 121 11.60 16.36 3.58
N TRP C 122 11.86 17.54 3.04
CA TRP C 122 11.75 17.78 1.61
C TRP C 122 13.18 17.93 1.09
N GLU C 123 13.41 17.42 -0.10
CA GLU C 123 14.73 17.53 -0.70
C GLU C 123 14.58 18.07 -2.10
N THR C 124 15.36 19.10 -2.43
CA THR C 124 15.34 19.66 -3.77
C THR C 124 16.66 20.39 -3.99
N LEU C 125 17.24 20.17 -5.17
CA LEU C 125 18.52 20.77 -5.55
C LEU C 125 19.60 20.33 -4.58
N GLY C 126 19.45 19.10 -4.09
CA GLY C 126 20.40 18.53 -3.16
C GLY C 126 20.31 19.01 -1.72
N ARG C 127 19.47 20.01 -1.46
CA ARG C 127 19.33 20.55 -0.11
C ARG C 127 18.07 20.04 0.56
N ILE C 128 18.06 19.95 1.88
CA ILE C 128 16.86 19.46 2.54
C ILE C 128 16.29 20.44 3.57
N LYS C 129 15.02 20.26 3.87
CA LYS C 129 14.37 21.10 4.85
C LYS C 129 13.44 20.19 5.63
N ILE C 130 13.53 20.22 6.96
CA ILE C 130 12.65 19.38 7.75
C ILE C 130 11.32 20.14 7.85
N MET C 131 10.26 19.52 7.36
CA MET C 131 8.94 20.15 7.32
C MET C 131 7.88 19.75 8.35
N ARG C 132 7.84 18.47 8.71
CA ARG C 132 6.85 17.98 9.66
C ARG C 132 7.38 16.90 10.57
N ILE C 133 6.69 16.72 11.69
CA ILE C 133 7.04 15.71 12.65
C ILE C 133 6.31 14.43 12.28
N LYS C 134 6.82 13.31 12.77
CA LYS C 134 6.27 11.99 12.47
C LYS C 134 6.64 11.86 11.01
N GLY C 135 6.11 10.90 10.27
CA GLY C 135 6.50 10.79 8.89
C GLY C 135 5.44 10.39 7.89
N GLU C 136 5.76 9.39 7.09
CA GLU C 136 4.85 8.88 6.08
C GLU C 136 5.38 7.62 5.39
#